data_4XT6
#
_entry.id   4XT6
#
_cell.length_a   70.428
_cell.length_b   96.016
_cell.length_c   76.107
_cell.angle_alpha   90.000
_cell.angle_beta   90.000
_cell.angle_gamma   90.000
#
_symmetry.space_group_name_H-M   'C 2 2 21'
#
loop_
_entity.id
_entity.type
_entity.pdbx_description
1 polymer Rv2671
2 non-polymer 'NADP NICOTINAMIDE-ADENINE-DINUCLEOTIDE PHOSPHATE'
3 non-polymer (6S)-2-amino-6-methyl-5,6,7,8-tetrahydropteridin-4(3H)-one
4 water water
#
_entity_poly.entity_id   1
_entity_poly.type   'polypeptide(L)'
_entity_poly.pdbx_seq_one_letter_code
;MPDSGQLGAADTPLRLLSSVHYLTDGELPQLYDYPDDGTWLRANFISSLDGGATVDGTSGAMAGPGDRFVFNLLRELADV
IVVGVGTVRIEGYSGVRMGVVQRQHRQARGQSEVPQLAIVTRSGRLDRDMAVFTRTEMAPLVLTTTAVADDTRQRLAGLA
EVIACSGDDPGTVDEAVLVSQLAARGLRRILTEGGPTLLGTFVERDVLDELCLTIAPYVVGGLARRIVTGPGQVLTRMRC
AHVLTDDSGYLYTRYVKT
;
_entity_poly.pdbx_strand_id   A
#
loop_
_chem_comp.id
_chem_comp.type
_chem_comp.name
_chem_comp.formula
44V non-polymer (6S)-2-amino-6-methyl-5,6,7,8-tetrahydropteridin-4(3H)-one 'C7 H11 N5 O'
NAP non-polymer 'NADP NICOTINAMIDE-ADENINE-DINUCLEOTIDE PHOSPHATE' 'C21 H28 N7 O17 P3'
#
# COMPACT_ATOMS: atom_id res chain seq x y z
N PRO A 13 29.17 -5.36 -19.81
CA PRO A 13 28.37 -5.89 -18.71
C PRO A 13 27.36 -4.84 -18.21
N LEU A 14 27.58 -3.59 -18.58
CA LEU A 14 26.68 -2.52 -18.17
C LEU A 14 26.00 -1.93 -19.38
N ARG A 15 24.77 -1.47 -19.21
CA ARG A 15 24.04 -0.81 -20.27
C ARG A 15 23.48 0.50 -19.76
N LEU A 16 23.48 1.49 -20.64
CA LEU A 16 22.94 2.81 -20.31
C LEU A 16 21.42 2.80 -20.48
N LEU A 17 20.69 3.26 -19.46
CA LEU A 17 19.25 3.45 -19.61
C LEU A 17 19.01 4.84 -20.15
N SER A 18 18.05 4.99 -21.04
CA SER A 18 17.59 6.32 -21.42
C SER A 18 16.13 6.31 -21.81
N SER A 19 15.55 7.50 -21.97
CA SER A 19 14.16 7.66 -22.38
C SER A 19 13.93 7.13 -23.80
N VAL A 20 12.99 6.23 -23.95
CA VAL A 20 12.78 5.56 -25.23
C VAL A 20 11.34 5.63 -25.72
N HIS A 21 10.42 5.88 -24.80
CA HIS A 21 9.01 5.88 -25.16
C HIS A 21 8.24 6.80 -24.27
N TYR A 22 7.64 7.82 -24.87
CA TYR A 22 6.70 8.67 -24.17
C TYR A 22 5.44 7.86 -23.89
N LEU A 23 5.05 7.80 -22.61
CA LEU A 23 3.95 6.92 -22.26
C LEU A 23 2.63 7.42 -22.83
N THR A 24 2.36 6.89 -24.02
CA THR A 24 1.12 7.02 -24.78
C THR A 24 -0.11 7.29 -23.91
N GLY A 26 -3.32 5.83 -21.17
CA GLY A 26 -3.51 4.62 -21.96
C GLY A 26 -2.56 3.49 -21.60
N GLU A 27 -1.27 3.79 -21.61
CA GLU A 27 -0.23 2.76 -21.45
C GLU A 27 0.24 2.56 -20.00
N LEU A 28 0.13 3.58 -19.16
CA LEU A 28 0.57 3.47 -17.77
C LEU A 28 -0.11 2.34 -16.94
N PRO A 29 -1.46 2.29 -16.96
CA PRO A 29 -2.12 1.22 -16.20
C PRO A 29 -1.61 -0.16 -16.60
N GLN A 30 -1.25 -0.35 -17.87
CA GLN A 30 -0.71 -1.64 -18.29
C GLN A 30 0.64 -1.92 -17.64
N LEU A 31 1.45 -0.87 -17.45
CA LEU A 31 2.74 -1.06 -16.81
C LEU A 31 2.52 -1.40 -15.35
N TYR A 32 1.38 -1.00 -14.80
CA TYR A 32 1.12 -1.35 -13.39
C TYR A 32 0.00 -2.37 -13.18
N ASP A 33 -0.22 -3.24 -14.16
CA ASP A 33 -1.30 -4.21 -14.06
C ASP A 33 -1.10 -5.21 -12.94
N TYR A 34 -2.21 -5.57 -12.29
CA TYR A 34 -2.23 -6.66 -11.34
C TYR A 34 -2.37 -7.95 -12.13
N PRO A 35 -1.93 -9.08 -11.55
CA PRO A 35 -2.13 -10.37 -12.24
C PRO A 35 -3.60 -10.67 -12.44
N ASP A 36 -3.92 -11.44 -13.48
CA ASP A 36 -5.33 -11.68 -13.84
C ASP A 36 -6.09 -12.49 -12.80
N ASP A 37 -5.38 -13.34 -12.06
CA ASP A 37 -6.00 -14.05 -10.94
C ASP A 37 -5.05 -14.21 -9.75
N GLY A 38 -5.62 -14.48 -8.59
CA GLY A 38 -4.84 -14.69 -7.39
C GLY A 38 -4.64 -13.41 -6.60
N THR A 39 -4.19 -13.55 -5.35
CA THR A 39 -3.95 -12.38 -4.52
C THR A 39 -2.64 -11.74 -4.89
N TRP A 40 -2.55 -10.44 -4.73
CA TRP A 40 -1.31 -9.75 -5.07
C TRP A 40 -1.21 -8.54 -4.16
N LEU A 41 -0.12 -8.48 -3.38
CA LEU A 41 0.10 -7.39 -2.44
C LEU A 41 1.19 -6.47 -2.98
N ARG A 42 0.79 -5.27 -3.38
CA ARG A 42 1.71 -4.26 -3.90
C ARG A 42 1.90 -3.16 -2.87
N ALA A 43 3.13 -2.69 -2.72
CA ALA A 43 3.41 -1.56 -1.85
C ALA A 43 3.78 -0.40 -2.74
N ASN A 44 3.42 0.82 -2.32
CA ASN A 44 3.87 2.03 -3.02
C ASN A 44 4.46 2.99 -2.00
N PHE A 45 5.74 3.31 -2.17
CA PHE A 45 6.43 4.20 -1.24
C PHE A 45 7.31 5.18 -2.00
N ILE A 46 7.79 6.21 -1.29
CA ILE A 46 8.72 7.15 -1.90
C ILE A 46 9.87 7.33 -0.93
N SER A 47 11.08 7.50 -1.46
CA SER A 47 12.19 7.76 -0.57
CA SER A 47 12.25 7.63 -0.62
C SER A 47 13.22 8.63 -1.26
N SER A 48 14.10 9.20 -0.44
CA SER A 48 15.13 10.04 -0.98
C SER A 48 16.24 9.15 -1.50
N LEU A 49 17.22 9.76 -2.15
CA LEU A 49 18.40 9.02 -2.62
C LEU A 49 19.14 8.38 -1.46
N ASP A 50 19.20 9.10 -0.34
CA ASP A 50 19.87 8.55 0.84
C ASP A 50 18.94 7.74 1.76
N GLY A 51 17.84 7.27 1.19
CA GLY A 51 17.01 6.29 1.85
C GLY A 51 16.06 6.81 2.92
N GLY A 52 15.80 8.10 2.93
CA GLY A 52 14.89 8.67 3.91
C GLY A 52 13.46 8.74 3.38
N ALA A 53 12.51 8.38 4.22
CA ALA A 53 11.11 8.26 3.81
C ALA A 53 10.31 9.51 4.12
N THR A 54 10.81 10.33 5.02
CA THR A 54 10.04 11.48 5.48
C THR A 54 10.83 12.77 5.47
N VAL A 55 10.08 13.88 5.40
CA VAL A 55 10.64 15.21 5.52
C VAL A 55 9.75 16.02 6.45
N THR A 58 6.12 13.48 7.15
CA THR A 58 5.48 13.00 5.92
C THR A 58 6.45 12.98 4.74
N SER A 59 6.01 12.35 3.65
CA SER A 59 6.86 12.19 2.47
C SER A 59 6.48 13.18 1.35
N GLY A 60 5.35 13.87 1.55
CA GLY A 60 4.78 14.78 0.56
C GLY A 60 5.72 15.83 0.00
N ALA A 61 6.59 16.36 0.83
CA ALA A 61 7.57 17.37 0.40
C ALA A 61 8.44 16.87 -0.75
N MET A 62 8.67 15.57 -0.81
CA MET A 62 9.50 15.01 -1.88
C MET A 62 8.68 14.62 -3.12
N ALA A 63 7.36 14.66 -2.99
CA ALA A 63 6.49 14.18 -4.06
C ALA A 63 6.03 15.30 -4.98
N GLY A 64 6.43 15.23 -6.25
CA GLY A 64 5.96 16.17 -7.25
C GLY A 64 4.75 15.65 -8.01
N PRO A 65 4.39 16.35 -9.11
CA PRO A 65 3.22 15.98 -9.93
C PRO A 65 3.30 14.57 -10.52
N GLY A 66 4.49 14.15 -10.97
CA GLY A 66 4.63 12.81 -11.53
C GLY A 66 4.31 11.72 -10.53
N ASP A 67 4.85 11.90 -9.32
CA ASP A 67 4.61 10.91 -8.27
C ASP A 67 3.18 10.91 -7.84
N ARG A 68 2.55 12.09 -7.79
CA ARG A 68 1.11 12.14 -7.47
C ARG A 68 0.31 11.38 -8.51
N PHE A 69 0.74 11.50 -9.75
CA PHE A 69 0.03 10.80 -10.84
C PHE A 69 0.11 9.28 -10.69
N VAL A 70 1.33 8.79 -10.46
CA VAL A 70 1.48 7.36 -10.22
C VAL A 70 0.70 6.88 -8.97
N PHE A 71 0.81 7.65 -7.89
CA PHE A 71 0.16 7.34 -6.61
C PHE A 71 -1.35 7.15 -6.82
N ASN A 72 -1.95 8.13 -7.51
CA ASN A 72 -3.39 8.08 -7.77
C ASN A 72 -3.76 6.93 -8.69
N LEU A 73 -2.92 6.65 -9.67
CA LEU A 73 -3.17 5.50 -10.54
C LEU A 73 -3.18 4.18 -9.77
N LEU A 74 -2.21 4.00 -8.89
CA LEU A 74 -2.13 2.76 -8.11
C LEU A 74 -3.35 2.64 -7.21
N ARG A 75 -3.81 3.75 -6.65
CA ARG A 75 -5.06 3.67 -5.88
C ARG A 75 -6.24 3.27 -6.76
N GLU A 76 -6.27 3.83 -7.96
CA GLU A 76 -7.36 3.53 -8.90
C GLU A 76 -7.40 2.05 -9.29
N LEU A 77 -6.23 1.42 -9.38
CA LEU A 77 -6.18 0.02 -9.75
C LEU A 77 -6.51 -0.97 -8.62
N ALA A 78 -6.47 -0.52 -7.37
CA ALA A 78 -6.54 -1.44 -6.22
C ALA A 78 -7.96 -1.81 -5.85
N ASP A 79 -8.15 -3.05 -5.37
CA ASP A 79 -9.43 -3.42 -4.76
C ASP A 79 -9.56 -2.85 -3.34
N VAL A 80 -8.45 -2.84 -2.62
CA VAL A 80 -8.43 -2.42 -1.23
C VAL A 80 -7.05 -1.81 -0.95
N ILE A 81 -7.05 -0.80 -0.10
CA ILE A 81 -5.84 -0.13 0.36
C ILE A 81 -5.69 -0.46 1.84
N VAL A 82 -4.59 -1.10 2.19
CA VAL A 82 -4.34 -1.55 3.55
C VAL A 82 -3.32 -0.61 4.20
N VAL A 83 -3.68 -0.10 5.38
CA VAL A 83 -2.88 0.90 6.08
C VAL A 83 -2.77 0.54 7.56
N GLY A 84 -1.62 0.77 8.15
CA GLY A 84 -1.43 0.50 9.57
C GLY A 84 -2.05 1.62 10.36
N VAL A 85 -2.36 1.39 11.63
CA VAL A 85 -3.12 2.41 12.35
C VAL A 85 -2.30 3.65 12.74
N GLY A 86 -0.99 3.49 12.87
CA GLY A 86 -0.13 4.64 13.10
C GLY A 86 -0.30 5.68 12.01
N THR A 87 -0.38 5.22 10.77
CA THR A 87 -0.43 6.12 9.63
C THR A 87 -1.80 6.77 9.42
N VAL A 88 -2.86 6.18 9.99
CA VAL A 88 -4.18 6.81 9.90
C VAL A 88 -4.39 7.90 10.97
N ARG A 89 -3.28 8.32 11.57
CA ARG A 89 -3.32 9.36 12.61
C ARG A 89 -2.36 10.50 12.32
N VAL A 96 -10.34 8.19 0.90
CA VAL A 96 -9.86 7.73 -0.40
C VAL A 96 -10.73 8.31 -1.53
N ARG A 97 -10.23 9.34 -2.19
CA ARG A 97 -11.01 10.03 -3.21
C ARG A 97 -10.79 9.48 -4.62
N MET A 98 -11.89 9.26 -5.32
CA MET A 98 -11.83 9.00 -6.74
C MET A 98 -12.59 10.13 -7.42
N GLY A 99 -12.14 10.53 -8.60
CA GLY A 99 -12.85 11.51 -9.40
C GLY A 99 -13.69 10.73 -10.41
N VAL A 100 -14.45 11.44 -11.22
CA VAL A 100 -15.39 10.82 -12.14
C VAL A 100 -14.75 9.82 -13.09
N VAL A 101 -13.63 10.22 -13.70
CA VAL A 101 -12.94 9.38 -14.66
C VAL A 101 -12.41 8.11 -13.98
N GLN A 102 -11.84 8.29 -12.78
CA GLN A 102 -11.33 7.16 -12.00
C GLN A 102 -12.45 6.16 -11.74
N ARG A 103 -13.59 6.66 -11.28
CA ARG A 103 -14.76 5.82 -11.04
C ARG A 103 -15.22 5.08 -12.29
N GLN A 104 -15.24 5.79 -13.42
CA GLN A 104 -15.59 5.16 -14.70
C GLN A 104 -14.68 3.98 -15.00
N HIS A 105 -13.38 4.25 -14.97
CA HIS A 105 -12.40 3.22 -15.28
C HIS A 105 -12.59 2.04 -14.35
N ARG A 106 -12.80 2.32 -13.07
CA ARG A 106 -12.98 1.25 -12.10
C ARG A 106 -14.20 0.39 -12.44
N GLN A 107 -15.31 1.06 -12.76
CA GLN A 107 -16.53 0.36 -13.12
C GLN A 107 -16.38 -0.51 -14.36
N ALA A 108 -15.70 0.02 -15.38
CA ALA A 108 -15.41 -0.74 -16.60
C ALA A 108 -14.65 -2.02 -16.31
N ARG A 109 -13.66 -1.95 -15.43
CA ARG A 109 -12.87 -3.12 -15.06
C ARG A 109 -13.61 -4.03 -14.09
N GLY A 110 -14.83 -3.66 -13.71
CA GLY A 110 -15.66 -4.50 -12.86
C GLY A 110 -15.45 -4.31 -11.37
N GLN A 111 -14.81 -3.21 -10.99
CA GLN A 111 -14.54 -2.96 -9.58
C GLN A 111 -15.55 -2.01 -8.96
N SER A 112 -15.59 -1.99 -7.62
CA SER A 112 -16.31 -0.95 -6.89
C SER A 112 -15.86 0.43 -7.34
N GLU A 113 -16.73 1.43 -7.21
CA GLU A 113 -16.42 2.78 -7.67
C GLU A 113 -15.22 3.39 -6.94
N VAL A 114 -15.03 3.03 -5.68
CA VAL A 114 -13.96 3.57 -4.86
C VAL A 114 -13.35 2.39 -4.10
N PRO A 115 -12.00 2.34 -3.98
CA PRO A 115 -11.45 1.17 -3.26
C PRO A 115 -11.73 1.20 -1.76
N GLN A 116 -11.83 0.02 -1.19
CA GLN A 116 -12.07 -0.17 0.23
C GLN A 116 -10.82 0.24 1.01
N LEU A 117 -11.00 0.74 2.23
CA LEU A 117 -9.86 0.95 3.12
C LEU A 117 -9.85 -0.12 4.19
N ALA A 118 -8.67 -0.67 4.49
CA ALA A 118 -8.54 -1.65 5.55
C ALA A 118 -7.44 -1.19 6.50
N ILE A 119 -7.77 -1.09 7.79
CA ILE A 119 -6.83 -0.62 8.78
C ILE A 119 -6.35 -1.76 9.66
N VAL A 120 -5.03 -1.97 9.73
CA VAL A 120 -4.44 -3.04 10.52
C VAL A 120 -4.12 -2.59 11.95
N THR A 121 -4.65 -3.31 12.94
CA THR A 121 -4.37 -3.03 14.33
C THR A 121 -4.28 -4.31 15.15
N ARG A 122 -3.19 -4.48 15.90
CA ARG A 122 -3.06 -5.66 16.76
C ARG A 122 -3.90 -5.47 18.01
N SER A 123 -3.94 -4.24 18.51
CA SER A 123 -4.62 -3.95 19.77
C SER A 123 -6.12 -3.72 19.60
N GLY A 124 -6.52 -3.23 18.43
CA GLY A 124 -7.92 -2.92 18.18
C GLY A 124 -8.33 -1.62 18.83
N ARG A 125 -7.36 -0.91 19.40
CA ARG A 125 -7.65 0.32 20.13
C ARG A 125 -7.89 1.50 19.19
N LEU A 126 -8.98 1.42 18.44
CA LEU A 126 -9.40 2.50 17.55
C LEU A 126 -10.56 3.25 18.18
N ASP A 127 -10.59 4.57 18.02
CA ASP A 127 -11.68 5.36 18.56
C ASP A 127 -12.72 5.65 17.48
N ARG A 128 -13.99 5.74 17.89
CA ARG A 128 -15.06 6.12 16.98
C ARG A 128 -14.83 7.53 16.44
N ASP A 129 -14.19 8.36 17.27
CA ASP A 129 -14.01 9.77 16.96
C ASP A 129 -12.87 10.00 15.95
N MET A 130 -12.52 8.96 15.20
CA MET A 130 -11.38 9.01 14.29
C MET A 130 -11.67 9.58 12.93
N ALA A 131 -10.80 10.50 12.50
CA ALA A 131 -10.83 11.09 11.17
C ALA A 131 -11.11 10.06 10.07
N VAL A 132 -10.54 8.87 10.24
CA VAL A 132 -10.65 7.80 9.24
C VAL A 132 -12.07 7.31 9.00
N PHE A 133 -12.92 7.43 10.01
CA PHE A 133 -14.28 6.90 9.93
C PHE A 133 -15.29 7.92 9.42
N THR A 134 -14.89 9.18 9.39
CA THR A 134 -15.82 10.28 9.15
C THR A 134 -15.93 10.77 7.70
N ARG A 135 -14.82 10.79 6.97
CA ARG A 135 -14.85 11.34 5.62
C ARG A 135 -14.71 10.28 4.52
N THR A 136 -15.55 9.25 4.57
CA THR A 136 -15.50 8.16 3.60
C THR A 136 -16.88 7.86 3.04
N GLU A 137 -16.91 7.24 1.87
CA GLU A 137 -18.15 6.79 1.28
C GLU A 137 -18.60 5.50 1.92
N MET A 138 -17.65 4.66 2.31
CA MET A 138 -18.03 3.37 2.89
C MET A 138 -17.17 2.91 4.06
N ALA A 139 -17.79 2.12 4.93
CA ALA A 139 -17.17 1.65 6.16
C ALA A 139 -15.85 0.94 5.85
N PRO A 140 -14.77 1.39 6.50
CA PRO A 140 -13.51 0.66 6.31
C PRO A 140 -13.55 -0.71 6.95
N LEU A 141 -12.62 -1.56 6.56
CA LEU A 141 -12.38 -2.82 7.26
C LEU A 141 -11.38 -2.54 8.37
N VAL A 142 -11.56 -3.19 9.51
CA VAL A 142 -10.57 -3.15 10.56
C VAL A 142 -10.04 -4.56 10.70
N LEU A 143 -8.76 -4.73 10.41
CA LEU A 143 -8.12 -6.04 10.42
C LEU A 143 -7.38 -6.20 11.73
N THR A 144 -7.78 -7.17 12.54
CA THR A 144 -7.21 -7.26 13.88
C THR A 144 -7.09 -8.73 14.35
N THR A 145 -6.98 -8.96 15.65
CA THR A 145 -6.74 -10.31 16.13
C THR A 145 -8.01 -10.97 16.64
N THR A 146 -8.00 -12.29 16.70
CA THR A 146 -9.13 -13.06 17.23
C THR A 146 -9.45 -12.59 18.65
N ALA A 147 -8.40 -12.26 19.40
CA ALA A 147 -8.53 -11.94 20.82
C ALA A 147 -9.29 -10.65 21.09
N VAL A 148 -9.18 -9.67 20.20
CA VAL A 148 -9.86 -8.38 20.42
C VAL A 148 -11.00 -8.08 19.41
N ALA A 149 -11.17 -8.98 18.46
CA ALA A 149 -12.17 -8.80 17.41
C ALA A 149 -13.60 -8.49 17.92
N ASP A 150 -14.09 -9.22 18.92
CA ASP A 150 -15.48 -9.02 19.39
C ASP A 150 -15.73 -7.64 20.01
N ASP A 151 -14.89 -7.26 20.96
CA ASP A 151 -14.96 -5.95 21.61
C ASP A 151 -14.78 -4.83 20.59
N THR A 152 -13.84 -5.01 19.67
CA THR A 152 -13.61 -3.98 18.65
C THR A 152 -14.85 -3.83 17.78
N ARG A 153 -15.44 -4.97 17.45
CA ARG A 153 -16.67 -5.04 16.65
C ARG A 153 -17.79 -4.28 17.33
N GLN A 154 -17.94 -4.47 18.64
CA GLN A 154 -18.98 -3.74 19.38
C GLN A 154 -18.71 -2.23 19.46
N ARG A 155 -17.46 -1.85 19.71
CA ARG A 155 -17.15 -0.43 19.85
C ARG A 155 -17.30 0.32 18.52
N LEU A 156 -16.97 -0.34 17.42
CA LEU A 156 -17.01 0.29 16.11
C LEU A 156 -18.31 0.03 15.32
N ALA A 157 -19.35 -0.47 16.01
CA ALA A 157 -20.63 -0.75 15.37
C ALA A 157 -21.11 0.42 14.52
N GLY A 158 -21.49 0.14 13.27
CA GLY A 158 -21.90 1.17 12.34
C GLY A 158 -20.81 1.88 11.58
N LEU A 159 -19.58 1.81 12.08
CA LEU A 159 -18.45 2.55 11.49
C LEU A 159 -17.51 1.65 10.67
N ALA A 160 -17.34 0.40 11.11
CA ALA A 160 -16.36 -0.48 10.48
C ALA A 160 -16.77 -1.95 10.51
N GLU A 161 -16.38 -2.70 9.50
CA GLU A 161 -16.45 -4.15 9.57
C GLU A 161 -15.15 -4.67 10.17
N VAL A 162 -15.26 -5.44 11.25
CA VAL A 162 -14.07 -5.88 11.98
C VAL A 162 -13.80 -7.34 11.67
N ILE A 163 -12.59 -7.63 11.19
CA ILE A 163 -12.24 -8.95 10.69
C ILE A 163 -11.06 -9.50 11.45
N ALA A 164 -11.20 -10.69 12.03
CA ALA A 164 -10.11 -11.35 12.74
C ALA A 164 -9.14 -11.97 11.75
N CYS A 165 -7.85 -11.70 11.93
CA CYS A 165 -6.84 -12.11 10.98
C CYS A 165 -5.73 -12.88 11.67
N SER A 166 -6.08 -13.62 12.71
CA SER A 166 -5.10 -14.44 13.43
C SER A 166 -4.90 -15.77 12.72
N GLY A 167 -3.69 -16.30 12.82
CA GLY A 167 -3.37 -17.62 12.30
C GLY A 167 -3.41 -18.62 13.44
N ASP A 168 -2.24 -19.08 13.88
CA ASP A 168 -2.17 -20.02 15.00
C ASP A 168 -2.40 -19.34 16.34
N ASP A 169 -2.04 -18.06 16.42
CA ASP A 169 -2.06 -17.32 17.68
C ASP A 169 -3.14 -16.28 17.66
N PRO A 170 -4.16 -16.42 18.54
CA PRO A 170 -5.31 -15.51 18.59
C PRO A 170 -4.92 -14.11 19.05
N GLY A 171 -3.70 -13.94 19.55
CA GLY A 171 -3.28 -12.64 20.04
C GLY A 171 -2.45 -11.83 19.04
N THR A 172 -2.21 -12.40 17.86
CA THR A 172 -1.40 -11.72 16.86
C THR A 172 -2.08 -11.70 15.51
N VAL A 173 -1.65 -10.77 14.66
CA VAL A 173 -2.06 -10.75 13.27
C VAL A 173 -1.07 -11.57 12.44
N ASP A 174 -1.59 -12.50 11.65
CA ASP A 174 -0.78 -13.30 10.72
C ASP A 174 -0.95 -12.65 9.35
N GLU A 175 0.14 -12.17 8.78
CA GLU A 175 0.07 -11.42 7.52
C GLU A 175 -0.52 -12.24 6.36
N ALA A 176 -0.13 -13.51 6.28
CA ALA A 176 -0.67 -14.39 5.23
C ALA A 176 -2.19 -14.57 5.38
N VAL A 177 -2.64 -14.69 6.63
CA VAL A 177 -4.06 -14.77 6.91
C VAL A 177 -4.75 -13.47 6.56
N LEU A 178 -4.14 -12.34 6.93
CA LEU A 178 -4.71 -11.03 6.56
C LEU A 178 -4.99 -10.96 5.06
N VAL A 179 -3.94 -11.23 4.29
CA VAL A 179 -4.08 -11.25 2.84
C VAL A 179 -5.19 -12.20 2.38
N SER A 180 -5.25 -13.38 2.98
CA SER A 180 -6.30 -14.35 2.63
C SER A 180 -7.73 -13.87 2.97
N GLN A 181 -7.87 -13.12 4.04
CA GLN A 181 -9.15 -12.59 4.49
C GLN A 181 -9.63 -11.54 3.53
N LEU A 182 -8.68 -10.75 3.01
CA LEU A 182 -9.07 -9.79 1.99
C LEU A 182 -9.50 -10.50 0.71
N ALA A 183 -8.71 -11.49 0.30
CA ALA A 183 -9.00 -12.22 -0.94
C ALA A 183 -10.38 -12.86 -0.87
N ALA A 184 -10.66 -13.43 0.29
CA ALA A 184 -11.91 -14.13 0.51
C ALA A 184 -13.12 -13.22 0.36
N ARG A 185 -12.88 -11.91 0.37
CA ARG A 185 -13.96 -10.95 0.22
C ARG A 185 -13.94 -10.29 -1.15
N GLY A 186 -13.23 -10.90 -2.09
CA GLY A 186 -13.13 -10.38 -3.44
C GLY A 186 -12.18 -9.20 -3.53
N LEU A 187 -11.33 -9.04 -2.53
CA LEU A 187 -10.34 -7.93 -2.52
C LEU A 187 -8.94 -8.48 -2.71
N ARG A 188 -8.70 -9.10 -3.84
CA ARG A 188 -7.42 -9.79 -4.06
C ARG A 188 -6.35 -8.83 -4.59
N ARG A 189 -6.75 -7.69 -5.15
CA ARG A 189 -5.77 -6.71 -5.64
C ARG A 189 -5.50 -5.67 -4.56
N ILE A 190 -4.41 -5.88 -3.83
CA ILE A 190 -4.17 -5.14 -2.59
C ILE A 190 -3.06 -4.10 -2.76
N LEU A 191 -3.28 -2.91 -2.21
CA LEU A 191 -2.23 -1.88 -2.21
C LEU A 191 -1.93 -1.49 -0.78
N THR A 192 -0.67 -1.37 -0.40
CA THR A 192 -0.38 -0.77 0.90
C THR A 192 0.53 0.43 0.74
N GLU A 193 0.22 1.51 1.48
CA GLU A 193 1.02 2.72 1.39
C GLU A 193 1.74 2.99 2.72
N GLY A 194 1.64 2.05 3.64
CA GLY A 194 2.36 2.18 4.90
C GLY A 194 1.49 1.93 6.11
N GLY A 195 1.97 2.31 7.28
CA GLY A 195 3.30 2.92 7.42
C GLY A 195 4.49 1.98 7.46
N PRO A 196 5.66 2.50 7.91
CA PRO A 196 6.88 1.69 7.91
C PRO A 196 6.82 0.46 8.82
N THR A 197 6.08 0.49 9.92
CA THR A 197 5.97 -0.70 10.75
C THR A 197 5.24 -1.81 10.01
N LEU A 198 4.07 -1.47 9.44
CA LEU A 198 3.29 -2.46 8.70
C LEU A 198 4.08 -3.02 7.52
N LEU A 199 4.67 -2.12 6.73
CA LEU A 199 5.47 -2.58 5.60
C LEU A 199 6.59 -3.48 6.09
N GLY A 200 7.20 -3.10 7.21
CA GLY A 200 8.28 -3.90 7.76
C GLY A 200 7.82 -5.30 8.13
N THR A 201 6.59 -5.43 8.64
CA THR A 201 6.08 -6.78 8.90
C THR A 201 5.78 -7.55 7.60
N PHE A 202 5.28 -6.88 6.57
CA PHE A 202 5.05 -7.57 5.29
C PHE A 202 6.36 -8.09 4.69
N VAL A 203 7.39 -7.24 4.75
CA VAL A 203 8.72 -7.61 4.24
C VAL A 203 9.34 -8.73 5.08
N GLU A 204 9.20 -8.62 6.39
CA GLU A 204 9.75 -9.62 7.30
C GLU A 204 9.12 -10.98 7.09
N ARG A 205 7.83 -10.99 6.77
N ARG A 205 7.82 -11.02 6.81
CA ARG A 205 7.11 -12.25 6.60
CA ARG A 205 7.14 -12.30 6.61
C ARG A 205 7.09 -12.71 5.15
C ARG A 205 7.14 -12.74 5.15
N ASP A 206 7.75 -11.94 4.29
CA ASP A 206 7.85 -12.27 2.86
C ASP A 206 6.50 -12.47 2.17
N VAL A 207 5.53 -11.60 2.45
CA VAL A 207 4.27 -11.66 1.74
C VAL A 207 4.09 -10.49 0.78
N LEU A 208 5.12 -9.66 0.66
CA LEU A 208 5.06 -8.55 -0.29
C LEU A 208 5.43 -9.03 -1.69
N ASP A 209 4.47 -8.98 -2.61
CA ASP A 209 4.69 -9.46 -3.98
C ASP A 209 5.40 -8.46 -4.88
N GLU A 210 5.16 -7.18 -4.62
CA GLU A 210 5.69 -6.13 -5.51
C GLU A 210 5.92 -4.85 -4.71
N LEU A 211 6.99 -4.12 -5.03
CA LEU A 211 7.23 -2.81 -4.43
C LEU A 211 7.37 -1.82 -5.58
N CYS A 212 6.49 -0.83 -5.59
CA CYS A 212 6.63 0.31 -6.48
C CYS A 212 7.30 1.40 -5.67
N LEU A 213 8.43 1.89 -6.14
CA LEU A 213 9.14 2.83 -5.31
C LEU A 213 9.53 4.02 -6.13
N THR A 214 9.10 5.19 -5.67
CA THR A 214 9.55 6.42 -6.25
C THR A 214 10.81 6.85 -5.54
N ILE A 215 11.87 7.02 -6.32
CA ILE A 215 13.12 7.55 -5.82
C ILE A 215 13.16 9.02 -6.21
N ALA A 216 13.12 9.85 -5.17
CA ALA A 216 13.08 11.30 -5.34
C ALA A 216 14.50 11.81 -5.39
N PRO A 217 14.74 12.80 -6.25
CA PRO A 217 16.11 13.28 -6.45
C PRO A 217 16.55 14.25 -5.37
N TYR A 218 16.54 13.81 -4.11
CA TYR A 218 17.03 14.63 -3.00
C TYR A 218 17.89 13.81 -2.07
N VAL A 219 18.80 14.47 -1.36
CA VAL A 219 19.34 13.88 -0.13
C VAL A 219 18.78 14.65 1.05
N VAL A 220 18.51 13.96 2.15
CA VAL A 220 17.86 14.57 3.31
C VAL A 220 18.66 14.46 4.61
N GLY A 221 19.79 13.76 4.57
CA GLY A 221 20.59 13.60 5.76
C GLY A 221 20.12 12.53 6.72
N GLY A 222 20.79 12.44 7.88
CA GLY A 222 20.68 11.26 8.72
C GLY A 222 19.45 11.10 9.60
N LEU A 223 18.71 12.18 9.84
CA LEU A 223 17.60 12.10 10.80
C LEU A 223 16.43 11.19 10.39
N ALA A 224 16.05 11.23 9.11
CA ALA A 224 14.81 10.56 8.69
C ALA A 224 14.87 9.04 8.83
N ARG A 225 13.71 8.43 9.04
CA ARG A 225 13.60 6.97 9.08
C ARG A 225 13.54 6.42 7.67
N ARG A 226 13.73 5.11 7.52
CA ARG A 226 13.54 4.44 6.23
C ARG A 226 12.06 4.18 5.95
N ILE A 227 11.75 3.66 4.77
CA ILE A 227 10.37 3.33 4.42
C ILE A 227 9.88 2.10 5.19
N VAL A 228 10.81 1.36 5.77
CA VAL A 228 10.50 0.23 6.64
C VAL A 228 11.20 0.42 7.97
N THR A 229 10.53 0.04 9.04
CA THR A 229 11.14 0.06 10.37
C THR A 229 10.77 -1.23 11.08
N GLY A 230 11.42 -1.49 12.20
CA GLY A 230 11.14 -2.72 12.94
C GLY A 230 12.37 -3.58 13.09
N PRO A 231 12.22 -4.72 13.79
CA PRO A 231 13.37 -5.55 14.13
C PRO A 231 13.74 -6.52 13.00
N GLY A 232 12.87 -6.66 12.01
CA GLY A 232 13.05 -7.67 10.97
C GLY A 232 14.31 -7.50 10.15
N GLN A 233 14.85 -8.61 9.66
CA GLN A 233 16.06 -8.60 8.84
C GLN A 233 15.97 -9.74 7.83
N VAL A 234 15.84 -9.41 6.54
CA VAL A 234 15.76 -10.42 5.49
C VAL A 234 16.68 -10.08 4.33
N LEU A 235 16.74 -10.93 3.32
CA LEU A 235 17.47 -10.58 2.11
C LEU A 235 16.69 -11.13 0.93
N THR A 236 15.64 -10.40 0.55
CA THR A 236 14.67 -10.87 -0.43
C THR A 236 15.02 -10.31 -1.79
N ARG A 237 15.38 -11.17 -2.72
CA ARG A 237 15.72 -10.73 -4.06
C ARG A 237 14.47 -10.38 -4.85
N MET A 238 14.52 -9.23 -5.51
CA MET A 238 13.40 -8.83 -6.36
C MET A 238 13.89 -8.53 -7.77
N ARG A 239 12.99 -8.57 -8.74
CA ARG A 239 13.33 -8.39 -10.14
C ARG A 239 12.83 -7.03 -10.58
N CYS A 240 13.63 -6.30 -11.35
CA CYS A 240 13.21 -4.96 -11.80
C CYS A 240 12.33 -5.07 -13.03
N ALA A 241 11.03 -4.81 -12.86
CA ALA A 241 10.07 -4.87 -13.95
C ALA A 241 10.13 -3.63 -14.84
N HIS A 242 10.22 -2.44 -14.24
CA HIS A 242 10.41 -1.23 -15.04
C HIS A 242 10.96 -0.07 -14.25
N VAL A 243 11.50 0.91 -14.96
CA VAL A 243 11.86 2.19 -14.39
C VAL A 243 11.31 3.27 -15.31
N LEU A 244 10.48 4.16 -14.75
CA LEU A 244 10.02 5.32 -15.51
C LEU A 244 10.74 6.56 -14.96
N THR A 245 10.66 7.66 -15.70
CA THR A 245 11.28 8.87 -15.21
C THR A 245 10.47 10.06 -15.73
N ASP A 246 10.81 11.24 -15.26
CA ASP A 246 10.26 12.47 -15.81
C ASP A 246 11.41 13.48 -15.97
N ASP A 247 11.09 14.69 -16.38
CA ASP A 247 12.15 15.68 -16.59
C ASP A 247 12.80 16.12 -15.28
N SER A 248 12.13 15.88 -14.15
CA SER A 248 12.62 16.33 -12.86
C SER A 248 13.63 15.37 -12.25
N GLY A 249 13.80 14.23 -12.90
CA GLY A 249 14.78 13.27 -12.46
C GLY A 249 14.31 12.30 -11.38
N TYR A 250 13.00 12.17 -11.22
CA TYR A 250 12.45 11.13 -10.35
C TYR A 250 12.56 9.79 -11.06
N LEU A 251 12.73 8.72 -10.29
CA LEU A 251 12.67 7.39 -10.88
C LEU A 251 11.44 6.71 -10.30
N TYR A 252 10.55 6.20 -11.14
CA TYR A 252 9.37 5.48 -10.69
C TYR A 252 9.61 4.03 -11.03
N THR A 253 9.93 3.23 -10.01
CA THR A 253 10.36 1.86 -10.23
C THR A 253 9.30 0.88 -9.81
N ARG A 254 9.40 -0.32 -10.38
CA ARG A 254 8.49 -1.40 -10.04
C ARG A 254 9.32 -2.64 -9.95
N TYR A 255 9.36 -3.24 -8.77
CA TYR A 255 10.11 -4.47 -8.55
C TYR A 255 9.15 -5.54 -8.09
N VAL A 256 9.42 -6.79 -8.48
CA VAL A 256 8.50 -7.90 -8.21
C VAL A 256 9.27 -9.08 -7.61
N LYS A 257 8.72 -9.82 -6.65
CA LYS A 257 9.41 -11.05 -6.20
C LYS A 257 9.49 -12.02 -7.40
N THR A 258 10.56 -12.81 -7.58
CA THR A 258 11.64 -13.07 -6.64
C THR A 258 13.00 -12.89 -7.32
PA NAP B . 2.07 2.23 10.77
O1A NAP B . 2.84 1.04 10.31
O2A NAP B . 0.95 2.56 9.80
O5B NAP B . 1.51 2.07 12.20
C5B NAP B . 1.84 1.02 13.00
C4B NAP B . 0.68 0.51 13.83
O4B NAP B . -0.34 -0.12 12.98
C3B NAP B . 1.05 -0.50 14.87
O3B NAP B . 1.31 0.07 16.09
C2B NAP B . -0.14 -1.33 14.93
O2B NAP B . -1.18 -0.73 15.64
C1B NAP B . -0.50 -1.41 13.47
N9A NAP B . 0.27 -2.44 12.76
C8A NAP B . 1.28 -2.27 11.89
N7A NAP B . 1.70 -3.50 11.49
C5A NAP B . 0.96 -4.43 12.13
C6A NAP B . 0.91 -5.82 12.14
N6A NAP B . 1.82 -6.62 11.32
N1A NAP B . 0.02 -6.45 12.92
C2A NAP B . -0.86 -5.77 13.70
N3A NAP B . -0.83 -4.43 13.70
C4A NAP B . 0.05 -3.76 12.94
O3 NAP B . 2.99 3.50 10.81
PN NAP B . 4.22 3.77 11.71
O1N NAP B . 5.33 2.79 11.46
O2N NAP B . 4.75 5.23 11.36
O5D NAP B . 3.85 3.74 13.17
P2B NAP B . -1.60 -1.16 17.09
O1X NAP B . -1.73 -2.65 17.18
O2X NAP B . -2.92 -0.52 17.42
O3X NAP B . -0.57 -0.69 18.07
C13 44V C . 2.51 8.25 3.16
C01 44V C . 3.03 6.62 1.68
C02 44V C . 3.34 7.77 1.93
N03 44V C . 3.15 8.73 0.78
C04 44V C . 3.60 8.38 -0.49
C05 44V C . 3.80 6.88 -0.73
N06 44V C . 3.52 6.03 0.35
N07 44V C . 4.26 6.42 -2.01
C08 44V C . 4.54 7.39 -3.08
N09 44V C . 4.33 8.85 -2.84
C10 44V C . 3.87 9.33 -1.57
O11 44V C . 3.72 10.52 -1.41
N12 44V C . 4.99 6.95 -4.35
#